data_6BHB
#
_entry.id   6BHB
#
_cell.length_a   99.740
_cell.length_b   99.740
_cell.length_c   99.740
_cell.angle_alpha   90.00
_cell.angle_beta   90.00
_cell.angle_gamma   90.00
#
_symmetry.space_group_name_H-M   'P 21 3'
#
loop_
_entity.id
_entity.type
_entity.pdbx_description
1 polymer 'Purine nucleoside phosphorylase'
2 non-polymer 'DIMETHYL SULFOXIDE'
3 non-polymer 2-aminopyrimidin-5-ol
4 water water
#
_entity_poly.entity_id   1
_entity_poly.type   'polypeptide(L)'
_entity_poly.pdbx_seq_one_letter_code
;MTTPVVANYENASMAADYIKRVSNVLPDIGII(CME)GSGLGKLIEEIEERKVIPYINIPNFPKTTVAGHVGNLVLGSVG
GRKIVAMQGRLHMYEGYSNQEIALPIRVMKLLGVRVLLITNLAGGINRKLKSGDFVLIKGHINFPGLGLNNVLVGPNQDE
FGPRFPDLSNAYDRLLQQLALKIAQENDFQDLVHEGVYAFNGGPTYESPDESNMLLKLGCDVVGMSTVPEVIIACHCGIK
VLAVSLIANNSILDAENDVSINHEKVLAVAEKRADLLQMWFKEIITRLPLD
;
_entity_poly.pdbx_strand_id   A
#
loop_
_chem_comp.id
_chem_comp.type
_chem_comp.name
_chem_comp.formula
DMS non-polymer 'DIMETHYL SULFOXIDE' 'C2 H6 O S'
DS1 non-polymer 2-aminopyrimidin-5-ol 'C4 H5 N3 O'
#
# COMPACT_ATOMS: atom_id res chain seq x y z
N VAL A 5 3.11 22.43 3.35
CA VAL A 5 3.04 22.40 1.90
C VAL A 5 1.83 21.59 1.46
N VAL A 6 0.99 22.21 0.63
CA VAL A 6 -0.25 21.59 0.17
C VAL A 6 0.05 20.66 -1.00
N ALA A 7 -0.71 19.57 -1.09
CA ALA A 7 -0.59 18.63 -2.20
C ALA A 7 -1.43 19.11 -3.39
N ASN A 8 -1.08 20.29 -3.89
CA ASN A 8 -1.81 20.91 -4.99
C ASN A 8 -1.11 20.67 -6.32
N TYR A 9 -1.75 21.13 -7.39
CA TYR A 9 -1.26 20.91 -8.74
C TYR A 9 0.11 21.53 -8.95
N GLU A 10 0.31 22.75 -8.45
CA GLU A 10 1.57 23.45 -8.69
C GLU A 10 2.73 22.76 -7.96
N ASN A 11 2.53 22.40 -6.69
CA ASN A 11 3.60 21.82 -5.91
C ASN A 11 3.97 20.42 -6.41
N ALA A 12 2.98 19.65 -6.83
CA ALA A 12 3.26 18.32 -7.37
C ALA A 12 4.00 18.40 -8.69
N SER A 13 3.66 19.39 -9.52
CA SER A 13 4.34 19.56 -10.80
C SER A 13 5.82 19.90 -10.59
N MET A 14 6.12 20.71 -9.57
CA MET A 14 7.51 21.05 -9.28
C MET A 14 8.32 19.81 -8.93
N ALA A 15 7.75 18.92 -8.11
CA ALA A 15 8.45 17.69 -7.76
C ALA A 15 8.64 16.79 -8.98
N ALA A 16 7.58 16.62 -9.78
CA ALA A 16 7.68 15.76 -10.95
C ALA A 16 8.70 16.31 -11.96
N ASP A 17 8.81 17.64 -12.06
CA ASP A 17 9.80 18.23 -12.94
C ASP A 17 11.21 17.80 -12.55
N TYR A 18 11.54 17.90 -11.26
CA TYR A 18 12.85 17.47 -10.79
C TYR A 18 13.10 15.99 -11.11
N ILE A 19 12.09 15.15 -10.88
CA ILE A 19 12.26 13.71 -11.08
C ILE A 19 12.53 13.41 -12.55
N LYS A 20 11.80 14.07 -13.46
CA LYS A 20 12.03 13.84 -14.89
C LYS A 20 13.46 14.18 -15.28
N ARG A 21 13.95 15.35 -14.85
CA ARG A 21 15.28 15.80 -15.24
C ARG A 21 16.38 14.84 -14.80
N VAL A 22 16.11 14.00 -13.80
CA VAL A 22 17.17 13.22 -13.15
C VAL A 22 17.16 11.78 -13.63
N SER A 23 15.99 11.26 -14.01
CA SER A 23 15.83 9.83 -14.25
C SER A 23 15.68 9.47 -15.73
N ASN A 24 15.00 10.29 -16.52
CA ASN A 24 14.70 9.99 -17.92
C ASN A 24 13.77 8.79 -18.06
N VAL A 25 13.19 8.31 -16.96
CA VAL A 25 12.25 7.19 -16.98
C VAL A 25 10.85 7.74 -16.83
N LEU A 26 9.95 7.34 -17.74
CA LEU A 26 8.54 7.72 -17.66
C LEU A 26 7.73 6.48 -17.29
N PRO A 27 7.42 6.27 -16.03
CA PRO A 27 6.73 5.04 -15.62
C PRO A 27 5.22 5.11 -15.75
N ASP A 28 4.62 3.95 -15.99
CA ASP A 28 3.17 3.80 -15.95
C ASP A 28 2.72 2.84 -14.85
N ILE A 29 3.62 2.36 -14.01
CA ILE A 29 3.29 1.47 -12.90
C ILE A 29 3.98 1.99 -11.65
N GLY A 30 3.27 1.97 -10.53
CA GLY A 30 3.84 2.34 -9.24
C GLY A 30 3.68 1.22 -8.25
N ILE A 31 4.60 1.15 -7.29
CA ILE A 31 4.59 0.10 -6.28
C ILE A 31 4.93 0.68 -4.92
N ILE A 32 4.17 0.27 -3.91
CA ILE A 32 4.45 0.61 -2.52
C ILE A 32 4.51 -0.70 -1.74
N CME A 33 5.67 -1.00 -1.16
CA CME A 33 5.89 -2.28 -0.50
CB CME A 33 7.21 -2.96 -0.85
SG CME A 33 7.53 -3.05 -2.59
SD CME A 33 6.04 -4.28 -3.40
CE CME A 33 6.82 -5.80 -3.85
CZ CME A 33 6.22 -7.00 -3.16
OH CME A 33 6.19 -6.70 -1.78
C CME A 33 5.82 -2.15 1.02
O CME A 33 6.21 -1.16 1.64
HA CME A 33 5.04 -2.96 -0.83
HB2 CME A 33 7.24 -3.98 -0.41
HB3 CME A 33 8.08 -2.38 -0.45
HE2 CME A 33 7.89 -5.66 -3.53
HE3 CME A 33 6.82 -5.95 -4.96
HZ2 CME A 33 6.87 -7.92 -3.34
HZ3 CME A 33 5.18 -7.21 -3.54
HH CME A 33 7.08 -6.84 -1.44
N GLY A 34 5.28 -3.20 1.63
CA GLY A 34 5.15 -3.27 3.07
C GLY A 34 6.49 -3.45 3.77
N SER A 35 6.45 -3.42 5.11
N SER A 35 6.45 -3.40 5.11
CA SER A 35 7.68 -3.53 5.88
CA SER A 35 7.68 -3.54 5.89
C SER A 35 8.27 -4.93 5.75
C SER A 35 8.27 -4.93 5.72
N GLY A 36 9.57 -5.00 5.45
CA GLY A 36 10.23 -6.26 5.22
C GLY A 36 9.94 -6.91 3.89
N LEU A 37 9.19 -6.24 3.01
CA LEU A 37 8.76 -6.80 1.73
C LEU A 37 9.29 -6.02 0.54
N GLY A 38 10.40 -5.31 0.70
CA GLY A 38 10.92 -4.43 -0.32
C GLY A 38 12.05 -4.99 -1.16
N LYS A 39 12.30 -6.29 -1.15
CA LYS A 39 13.45 -6.84 -1.84
C LYS A 39 13.36 -6.60 -3.35
N LEU A 40 12.16 -6.66 -3.92
CA LEU A 40 12.02 -6.45 -5.36
C LEU A 40 12.61 -5.13 -5.80
N ILE A 41 12.64 -4.14 -4.91
CA ILE A 41 13.18 -2.83 -5.27
C ILE A 41 14.68 -2.90 -5.54
N GLU A 42 15.36 -3.92 -5.03
CA GLU A 42 16.78 -4.12 -5.32
C GLU A 42 17.02 -4.82 -6.64
N GLU A 43 15.97 -5.35 -7.28
CA GLU A 43 16.09 -6.03 -8.56
C GLU A 43 15.74 -5.13 -9.74
N ILE A 44 15.40 -3.87 -9.49
CA ILE A 44 15.04 -2.94 -10.56
C ILE A 44 16.26 -2.70 -11.44
N GLU A 45 16.05 -2.75 -12.76
CA GLU A 45 17.13 -2.64 -13.72
C GLU A 45 17.30 -1.19 -14.18
N GLU A 46 18.55 -0.85 -14.54
CA GLU A 46 18.89 0.50 -15.00
C GLU A 46 18.24 1.55 -14.10
N ARG A 47 18.39 1.34 -12.80
CA ARG A 47 17.58 2.06 -11.83
C ARG A 47 18.22 3.39 -11.46
N LYS A 48 17.40 4.25 -10.85
CA LYS A 48 17.84 5.56 -10.35
C LYS A 48 17.20 5.77 -8.99
N VAL A 49 18.02 5.99 -7.98
CA VAL A 49 17.57 6.17 -6.61
C VAL A 49 17.58 7.66 -6.28
N ILE A 50 16.46 8.16 -5.76
CA ILE A 50 16.33 9.57 -5.40
C ILE A 50 15.85 9.66 -3.96
N PRO A 51 16.63 10.18 -3.02
CA PRO A 51 16.14 10.32 -1.65
C PRO A 51 15.09 11.42 -1.56
N TYR A 52 14.06 11.17 -0.74
CA TYR A 52 12.98 12.13 -0.58
C TYR A 52 13.51 13.52 -0.30
N ILE A 53 14.60 13.62 0.49
CA ILE A 53 15.06 14.91 0.98
C ILE A 53 15.54 15.81 -0.15
N ASN A 54 15.84 15.26 -1.32
CA ASN A 54 16.30 16.05 -2.45
C ASN A 54 15.19 16.46 -3.40
N ILE A 55 13.98 15.92 -3.25
CA ILE A 55 12.90 16.17 -4.20
C ILE A 55 12.11 17.38 -3.73
N PRO A 56 11.94 18.42 -4.54
CA PRO A 56 11.18 19.60 -4.09
C PRO A 56 9.78 19.21 -3.60
N ASN A 57 9.39 19.80 -2.47
CA ASN A 57 8.05 19.71 -1.91
C ASN A 57 7.72 18.35 -1.32
N PHE A 58 8.63 17.38 -1.38
CA PHE A 58 8.36 16.09 -0.74
C PHE A 58 8.36 16.26 0.78
N PRO A 59 7.56 15.47 1.49
CA PRO A 59 7.46 15.66 2.95
C PRO A 59 8.78 15.38 3.65
N LYS A 60 8.95 16.00 4.82
CA LYS A 60 10.13 15.80 5.65
C LYS A 60 9.93 14.54 6.50
N THR A 61 10.94 13.65 6.49
CA THR A 61 10.83 12.36 7.15
C THR A 61 11.99 12.11 8.11
N THR A 62 12.71 13.14 8.52
CA THR A 62 13.90 12.94 9.35
C THR A 62 13.51 12.56 10.77
N VAL A 63 12.41 13.12 11.29
CA VAL A 63 11.98 12.80 12.65
C VAL A 63 11.75 11.30 12.77
N ALA A 64 10.94 10.73 11.88
CA ALA A 64 10.72 9.29 11.89
C ALA A 64 12.02 8.54 11.60
N GLY A 65 12.80 9.03 10.65
CA GLY A 65 14.07 8.39 10.32
C GLY A 65 13.92 7.29 9.31
N HIS A 66 14.99 6.51 9.19
CA HIS A 66 15.03 5.33 8.33
C HIS A 66 14.93 5.69 6.86
N VAL A 67 14.93 4.68 5.99
CA VAL A 67 15.11 4.90 4.56
C VAL A 67 13.91 5.62 3.97
N GLY A 68 14.18 6.48 3.00
CA GLY A 68 13.13 7.16 2.24
C GLY A 68 13.61 7.57 0.86
N ASN A 69 13.38 6.70 -0.13
CA ASN A 69 13.87 6.92 -1.49
C ASN A 69 12.77 6.66 -2.50
N LEU A 70 12.82 7.40 -3.60
CA LEU A 70 12.05 7.10 -4.80
C LEU A 70 12.96 6.42 -5.80
N VAL A 71 12.56 5.24 -6.28
CA VAL A 71 13.40 4.40 -7.13
C VAL A 71 12.67 4.16 -8.45
N LEU A 72 13.34 4.49 -9.56
CA LEU A 72 12.78 4.32 -10.90
C LEU A 72 13.66 3.37 -11.71
N GLY A 73 13.04 2.64 -12.62
CA GLY A 73 13.77 1.72 -13.47
C GLY A 73 12.83 0.78 -14.19
N SER A 74 13.38 -0.37 -14.60
CA SER A 74 12.65 -1.34 -15.41
C SER A 74 12.50 -2.66 -14.68
N VAL A 75 11.34 -3.29 -14.85
CA VAL A 75 11.07 -4.64 -14.35
C VAL A 75 10.24 -5.36 -15.40
N GLY A 76 10.70 -6.55 -15.81
CA GLY A 76 9.99 -7.33 -16.80
C GLY A 76 9.71 -6.56 -18.07
N GLY A 77 10.58 -5.61 -18.40
CA GLY A 77 10.40 -4.76 -19.56
C GLY A 77 9.49 -3.57 -19.33
N ARG A 78 8.84 -3.47 -18.16
CA ARG A 78 7.93 -2.38 -17.86
C ARG A 78 8.66 -1.31 -17.05
N LYS A 79 8.23 -0.07 -17.24
CA LYS A 79 8.80 1.07 -16.50
C LYS A 79 7.99 1.28 -15.23
N ILE A 80 8.69 1.37 -14.09
CA ILE A 80 8.04 1.47 -12.80
C ILE A 80 8.67 2.57 -11.96
N VAL A 81 7.96 2.95 -10.90
CA VAL A 81 8.46 3.84 -9.87
C VAL A 81 8.05 3.27 -8.53
N ALA A 82 8.97 3.28 -7.56
CA ALA A 82 8.74 2.64 -6.28
C ALA A 82 8.99 3.61 -5.14
N MET A 83 8.15 3.53 -4.11
CA MET A 83 8.37 4.24 -2.86
C MET A 83 9.10 3.30 -1.90
N GLN A 84 10.37 3.59 -1.64
CA GLN A 84 11.19 2.81 -0.70
C GLN A 84 11.20 3.56 0.63
N GLY A 85 10.31 3.15 1.53
CA GLY A 85 10.10 3.87 2.77
C GLY A 85 8.80 4.65 2.72
N ARG A 86 7.70 4.00 3.09
CA ARG A 86 6.37 4.58 2.93
C ARG A 86 5.98 5.33 4.20
N LEU A 87 5.02 6.24 4.04
CA LEU A 87 4.60 7.14 5.12
C LEU A 87 3.34 6.60 5.78
N HIS A 88 3.37 6.49 7.11
CA HIS A 88 2.23 6.02 7.89
C HIS A 88 1.63 7.18 8.68
N MET A 89 0.31 7.25 8.72
CA MET A 89 -0.36 8.36 9.39
C MET A 89 -0.25 8.27 10.91
N TYR A 90 0.09 7.10 11.47
CA TYR A 90 0.34 7.04 12.90
C TYR A 90 1.63 7.73 13.30
N GLU A 91 2.48 8.12 12.34
CA GLU A 91 3.66 8.91 12.64
C GLU A 91 3.35 10.39 12.87
N GLY A 92 2.16 10.84 12.50
CA GLY A 92 1.78 12.23 12.63
C GLY A 92 1.79 13.03 11.35
N TYR A 93 2.02 12.39 10.20
CA TYR A 93 1.98 13.10 8.93
C TYR A 93 0.56 13.59 8.65
N SER A 94 0.47 14.71 7.95
CA SER A 94 -0.82 15.28 7.59
C SER A 94 -1.36 14.64 6.32
N ASN A 95 -2.64 14.92 6.03
CA ASN A 95 -3.24 14.46 4.79
C ASN A 95 -2.44 14.91 3.58
N GLN A 96 -1.95 16.15 3.61
CA GLN A 96 -1.24 16.70 2.45
C GLN A 96 0.07 15.97 2.21
N GLU A 97 0.77 15.57 3.28
CA GLU A 97 2.06 14.90 3.13
C GLU A 97 1.89 13.49 2.57
N ILE A 98 0.84 12.79 2.99
CA ILE A 98 0.59 11.44 2.48
C ILE A 98 0.22 11.50 1.00
N ALA A 99 -0.53 12.52 0.59
CA ALA A 99 -1.12 12.53 -0.74
C ALA A 99 -0.13 12.93 -1.83
N LEU A 100 0.78 13.86 -1.52
CA LEU A 100 1.61 14.45 -2.58
C LEU A 100 2.42 13.41 -3.34
N PRO A 101 3.12 12.46 -2.70
CA PRO A 101 3.84 11.46 -3.49
C PRO A 101 2.95 10.68 -4.45
N ILE A 102 1.70 10.39 -4.06
CA ILE A 102 0.81 9.67 -4.96
C ILE A 102 0.41 10.55 -6.14
N ARG A 103 0.14 11.83 -5.88
CA ARG A 103 -0.22 12.74 -6.96
C ARG A 103 0.98 13.08 -7.85
N VAL A 104 2.20 12.96 -7.34
CA VAL A 104 3.37 13.06 -8.20
C VAL A 104 3.44 11.85 -9.13
N MET A 105 3.16 10.65 -8.61
CA MET A 105 3.10 9.47 -9.46
C MET A 105 2.13 9.68 -10.61
N LYS A 106 0.99 10.30 -10.34
CA LYS A 106 0.00 10.57 -11.38
C LYS A 106 0.59 11.45 -12.48
N LEU A 107 1.20 12.57 -12.09
CA LEU A 107 1.75 13.48 -13.09
C LEU A 107 2.88 12.84 -13.89
N LEU A 108 3.56 11.84 -13.33
CA LEU A 108 4.60 11.14 -14.06
C LEU A 108 4.03 10.10 -15.04
N GLY A 109 2.73 9.84 -15.00
CA GLY A 109 2.10 8.94 -15.92
C GLY A 109 1.70 7.58 -15.36
N VAL A 110 1.64 7.42 -14.04
CA VAL A 110 1.29 6.13 -13.44
C VAL A 110 -0.19 5.87 -13.65
N ARG A 111 -0.51 4.65 -14.09
CA ARG A 111 -1.89 4.22 -14.27
C ARG A 111 -2.28 3.03 -13.40
N VAL A 112 -1.31 2.30 -12.83
CA VAL A 112 -1.58 1.16 -11.97
C VAL A 112 -0.68 1.25 -10.75
N LEU A 113 -1.25 1.04 -9.57
CA LEU A 113 -0.54 1.10 -8.30
C LEU A 113 -0.68 -0.23 -7.59
N LEU A 114 0.45 -0.89 -7.31
CA LEU A 114 0.48 -2.17 -6.62
C LEU A 114 0.98 -1.96 -5.19
N ILE A 115 0.27 -2.52 -4.21
CA ILE A 115 0.52 -2.26 -2.80
C ILE A 115 0.51 -3.57 -2.03
N THR A 116 1.44 -3.68 -1.08
CA THR A 116 1.49 -4.79 -0.14
C THR A 116 1.58 -4.26 1.29
N ASN A 117 1.07 -5.03 2.24
CA ASN A 117 1.12 -4.65 3.65
C ASN A 117 1.07 -5.90 4.51
N LEU A 118 1.35 -5.71 5.80
CA LEU A 118 1.18 -6.74 6.82
C LEU A 118 -0.05 -6.40 7.66
N ALA A 119 -0.83 -7.43 8.02
CA ALA A 119 -2.09 -7.20 8.69
C ALA A 119 -2.40 -8.37 9.60
N GLY A 120 -3.36 -8.15 10.50
CA GLY A 120 -3.85 -9.21 11.36
C GLY A 120 -5.09 -9.88 10.79
N GLY A 121 -5.23 -11.17 11.08
CA GLY A 121 -6.35 -11.94 10.59
C GLY A 121 -7.53 -11.90 11.56
N ILE A 122 -8.70 -11.58 11.03
CA ILE A 122 -9.95 -11.61 11.78
C ILE A 122 -10.80 -12.81 11.38
N ASN A 123 -10.99 -13.02 10.08
CA ASN A 123 -11.73 -14.17 9.60
C ASN A 123 -11.07 -15.46 10.09
N ARG A 124 -11.90 -16.40 10.55
CA ARG A 124 -11.37 -17.61 11.16
C ARG A 124 -10.69 -18.53 10.15
N LYS A 125 -10.96 -18.36 8.86
CA LYS A 125 -10.30 -19.18 7.84
C LYS A 125 -8.89 -18.71 7.52
N LEU A 126 -8.41 -17.64 8.16
CA LEU A 126 -7.10 -17.09 7.88
C LEU A 126 -6.09 -17.54 8.92
N LYS A 127 -4.91 -17.91 8.45
CA LYS A 127 -3.82 -18.35 9.30
C LYS A 127 -2.57 -17.54 8.98
N SER A 128 -1.60 -17.59 9.89
CA SER A 128 -0.33 -16.91 9.69
C SER A 128 0.31 -17.40 8.40
N GLY A 129 0.70 -16.46 7.54
CA GLY A 129 1.36 -16.78 6.28
C GLY A 129 0.46 -16.75 5.07
N ASP A 130 -0.85 -16.57 5.25
CA ASP A 130 -1.76 -16.49 4.12
C ASP A 130 -1.71 -15.11 3.48
N PHE A 131 -2.13 -15.05 2.21
CA PHE A 131 -2.28 -13.80 1.48
C PHE A 131 -3.77 -13.48 1.31
N VAL A 132 -4.10 -12.19 1.33
CA VAL A 132 -5.47 -11.73 1.19
C VAL A 132 -5.51 -10.65 0.10
N LEU A 133 -6.21 -10.94 -1.00
CA LEU A 133 -6.50 -9.94 -2.01
C LEU A 133 -7.62 -9.05 -1.52
N ILE A 134 -7.34 -7.76 -1.34
CA ILE A 134 -8.31 -6.84 -0.76
C ILE A 134 -9.34 -6.46 -1.81
N LYS A 135 -10.62 -6.64 -1.46
CA LYS A 135 -11.73 -6.31 -2.35
C LYS A 135 -12.59 -5.16 -1.85
N GLY A 136 -12.30 -4.64 -0.66
CA GLY A 136 -13.04 -3.52 -0.10
C GLY A 136 -12.45 -3.18 1.25
N HIS A 137 -12.96 -2.10 1.86
CA HIS A 137 -12.40 -1.67 3.12
C HIS A 137 -13.46 -1.04 4.02
N ILE A 138 -13.13 -0.97 5.31
CA ILE A 138 -13.87 -0.21 6.31
C ILE A 138 -12.92 0.84 6.85
N ASN A 139 -13.23 2.12 6.61
CA ASN A 139 -12.30 3.22 6.86
C ASN A 139 -12.73 3.95 8.13
N PHE A 140 -12.30 3.43 9.27
CA PHE A 140 -12.72 4.02 10.54
C PHE A 140 -12.27 5.48 10.69
N PRO A 141 -11.03 5.86 10.35
CA PRO A 141 -10.70 7.30 10.36
C PRO A 141 -11.62 8.12 9.46
N GLY A 142 -11.96 7.60 8.28
CA GLY A 142 -12.82 8.35 7.38
C GLY A 142 -14.19 8.61 7.98
N LEU A 143 -14.79 7.58 8.59
CA LEU A 143 -16.06 7.79 9.28
C LEU A 143 -15.93 8.83 10.39
N GLY A 144 -14.76 8.90 11.02
CA GLY A 144 -14.57 9.75 12.19
C GLY A 144 -13.95 11.11 11.92
N LEU A 145 -14.05 11.58 10.67
CA LEU A 145 -13.61 12.91 10.24
C LEU A 145 -12.08 13.02 10.10
N ASN A 146 -11.38 11.90 9.93
CA ASN A 146 -9.95 11.91 9.63
C ASN A 146 -9.67 11.28 8.26
N ASN A 147 -10.63 11.38 7.34
CA ASN A 147 -10.42 10.92 5.97
C ASN A 147 -9.24 11.66 5.34
N VAL A 148 -8.52 10.96 4.46
CA VAL A 148 -7.31 11.54 3.86
C VAL A 148 -7.65 12.73 2.95
N LEU A 149 -8.90 12.85 2.51
CA LEU A 149 -9.31 13.95 1.63
C LEU A 149 -9.99 15.10 2.37
N VAL A 150 -10.03 15.07 3.71
CA VAL A 150 -10.59 16.20 4.45
C VAL A 150 -9.76 17.43 4.19
N GLY A 151 -10.42 18.52 3.78
CA GLY A 151 -9.76 19.73 3.37
C GLY A 151 -10.31 20.24 2.05
N PRO A 152 -9.72 21.30 1.50
CA PRO A 152 -10.13 21.75 0.18
C PRO A 152 -9.85 20.69 -0.88
N ASN A 153 -10.75 20.56 -1.84
CA ASN A 153 -10.54 19.63 -2.94
C ASN A 153 -9.62 20.25 -3.98
N GLN A 154 -8.67 19.46 -4.46
CA GLN A 154 -7.77 19.86 -5.53
C GLN A 154 -8.41 19.42 -6.84
N ASP A 155 -9.16 20.34 -7.45
CA ASP A 155 -10.05 19.98 -8.55
C ASP A 155 -9.29 19.40 -9.73
N GLU A 156 -8.03 19.82 -9.94
CA GLU A 156 -7.28 19.32 -11.08
C GLU A 156 -7.07 17.81 -11.02
N PHE A 157 -7.14 17.21 -9.83
CA PHE A 157 -6.85 15.79 -9.66
C PHE A 157 -8.10 14.92 -9.64
N GLY A 158 -9.20 15.39 -9.05
CA GLY A 158 -10.39 14.58 -8.95
C GLY A 158 -11.59 15.33 -8.39
N PRO A 159 -12.70 14.61 -8.21
CA PRO A 159 -13.94 15.26 -7.77
C PRO A 159 -14.00 15.46 -6.25
N ARG A 160 -14.94 16.30 -5.83
CA ARG A 160 -15.12 16.59 -4.42
C ARG A 160 -15.59 15.35 -3.65
N PHE A 161 -16.51 14.58 -4.23
CA PHE A 161 -17.11 13.42 -3.56
C PHE A 161 -16.85 12.16 -4.39
N PRO A 162 -15.70 11.51 -4.21
CA PRO A 162 -15.40 10.33 -5.02
C PRO A 162 -16.14 9.09 -4.56
N ASP A 163 -16.42 8.21 -5.53
CA ASP A 163 -17.06 6.93 -5.30
C ASP A 163 -15.99 5.85 -5.24
N LEU A 164 -15.96 5.09 -4.15
CA LEU A 164 -14.94 4.07 -3.92
C LEU A 164 -15.43 2.66 -4.27
N SER A 165 -16.55 2.54 -4.97
CA SER A 165 -17.15 1.22 -5.21
C SER A 165 -16.27 0.34 -6.09
N ASN A 166 -15.40 0.92 -6.91
CA ASN A 166 -14.51 0.16 -7.78
C ASN A 166 -13.04 0.51 -7.54
N ALA A 167 -12.70 0.84 -6.29
CA ALA A 167 -11.33 1.24 -5.99
C ALA A 167 -10.36 0.07 -6.11
N TYR A 168 -10.83 -1.16 -5.93
CA TYR A 168 -10.00 -2.35 -5.99
C TYR A 168 -10.36 -3.11 -7.27
N ASP A 169 -9.53 -2.93 -8.30
CA ASP A 169 -9.86 -3.42 -9.64
C ASP A 169 -10.11 -4.92 -9.64
N ARG A 170 -11.21 -5.33 -10.28
CA ARG A 170 -11.58 -6.74 -10.33
C ARG A 170 -10.60 -7.53 -11.20
N LEU A 171 -10.26 -7.01 -12.38
CA LEU A 171 -9.38 -7.74 -13.29
C LEU A 171 -8.01 -7.99 -12.68
N LEU A 172 -7.49 -7.02 -11.92
CA LEU A 172 -6.17 -7.20 -11.31
C LEU A 172 -6.20 -8.27 -10.24
N GLN A 173 -7.29 -8.36 -9.48
CA GLN A 173 -7.41 -9.46 -8.52
C GLN A 173 -7.44 -10.81 -9.24
N GLN A 174 -8.10 -10.86 -10.40
CA GLN A 174 -8.16 -12.10 -11.16
C GLN A 174 -6.78 -12.48 -11.70
N LEU A 175 -6.04 -11.52 -12.24
CA LEU A 175 -4.71 -11.80 -12.77
C LEU A 175 -3.77 -12.29 -11.66
N ALA A 176 -3.89 -11.73 -10.45
CA ALA A 176 -3.03 -12.16 -9.36
C ALA A 176 -3.36 -13.58 -8.93
N LEU A 177 -4.64 -13.92 -8.88
CA LEU A 177 -5.02 -15.29 -8.54
C LEU A 177 -4.54 -16.27 -9.60
N LYS A 178 -4.64 -15.88 -10.88
CA LYS A 178 -4.21 -16.76 -11.96
C LYS A 178 -2.74 -17.15 -11.81
N ILE A 179 -1.89 -16.18 -11.46
CA ILE A 179 -0.47 -16.46 -11.34
C ILE A 179 -0.21 -17.38 -10.15
N ALA A 180 -0.98 -17.22 -9.07
CA ALA A 180 -0.85 -18.11 -7.93
C ALA A 180 -1.18 -19.54 -8.32
N GLN A 181 -2.14 -19.73 -9.23
CA GLN A 181 -2.50 -21.07 -9.67
C GLN A 181 -1.42 -21.67 -10.56
N GLU A 182 -0.83 -20.86 -11.45
CA GLU A 182 0.21 -21.37 -12.34
C GLU A 182 1.41 -21.88 -11.57
N ASN A 183 1.66 -21.32 -10.38
CA ASN A 183 2.78 -21.74 -9.54
C ASN A 183 2.33 -22.57 -8.35
N ASP A 184 1.04 -22.89 -8.24
CA ASP A 184 0.53 -23.88 -7.30
C ASP A 184 0.70 -23.44 -5.84
N PHE A 185 0.38 -22.18 -5.55
CA PHE A 185 0.23 -21.72 -4.17
C PHE A 185 -1.10 -20.99 -3.99
N GLN A 186 -2.09 -21.31 -4.82
CA GLN A 186 -3.41 -20.71 -4.67
C GLN A 186 -4.04 -21.06 -3.33
N ASP A 187 -3.64 -22.15 -2.70
CA ASP A 187 -4.16 -22.51 -1.38
C ASP A 187 -3.84 -21.46 -0.33
N LEU A 188 -2.93 -20.52 -0.61
CA LEU A 188 -2.57 -19.46 0.33
C LEU A 188 -3.33 -18.17 0.10
N VAL A 189 -4.14 -18.08 -0.96
CA VAL A 189 -4.68 -16.83 -1.45
C VAL A 189 -6.17 -16.77 -1.13
N HIS A 190 -6.56 -15.78 -0.32
CA HIS A 190 -7.95 -15.48 -0.01
C HIS A 190 -8.31 -14.10 -0.57
N GLU A 191 -9.57 -13.72 -0.40
CA GLU A 191 -10.04 -12.37 -0.62
C GLU A 191 -10.80 -11.92 0.62
N GLY A 192 -10.82 -10.62 0.88
CA GLY A 192 -11.48 -10.15 2.08
C GLY A 192 -11.53 -8.63 2.19
N VAL A 193 -12.16 -8.18 3.27
CA VAL A 193 -12.39 -6.77 3.53
C VAL A 193 -11.36 -6.29 4.55
N TYR A 194 -10.74 -5.14 4.28
CA TYR A 194 -9.66 -4.60 5.09
C TYR A 194 -10.19 -3.49 5.98
N ALA A 195 -9.99 -3.62 7.29
CA ALA A 195 -10.34 -2.58 8.24
C ALA A 195 -9.10 -1.73 8.54
N PHE A 196 -9.28 -0.41 8.52
CA PHE A 196 -8.18 0.54 8.74
C PHE A 196 -8.21 0.99 10.20
N ASN A 197 -7.23 0.52 10.97
CA ASN A 197 -7.01 0.95 12.34
C ASN A 197 -5.88 1.99 12.34
N GLY A 198 -6.18 3.20 12.80
CA GLY A 198 -5.18 4.26 12.75
C GLY A 198 -3.86 3.87 13.38
N GLY A 199 -3.90 3.14 14.49
CA GLY A 199 -2.69 2.74 15.17
C GLY A 199 -2.14 3.82 16.08
N PRO A 200 -0.91 3.64 16.61
CA PRO A 200 0.04 2.55 16.35
C PRO A 200 -0.09 1.33 17.27
N THR A 201 -1.01 1.37 18.24
CA THR A 201 -1.25 0.20 19.06
C THR A 201 -1.91 -0.90 18.21
N TYR A 202 -1.45 -2.13 18.40
CA TYR A 202 -2.13 -3.25 17.78
C TYR A 202 -3.57 -3.32 18.27
N GLU A 203 -4.45 -3.88 17.44
CA GLU A 203 -5.84 -4.03 17.84
C GLU A 203 -5.92 -4.81 19.15
N SER A 204 -6.73 -4.32 20.08
CA SER A 204 -6.90 -5.01 21.35
C SER A 204 -7.74 -6.27 21.15
N PRO A 205 -7.69 -7.20 22.11
CA PRO A 205 -8.51 -8.42 21.97
C PRO A 205 -9.99 -8.14 21.74
N ASP A 206 -10.55 -7.16 22.44
CA ASP A 206 -11.97 -6.88 22.31
C ASP A 206 -12.27 -6.05 21.06
N GLU A 207 -11.31 -5.26 20.59
CA GLU A 207 -11.48 -4.62 19.29
C GLU A 207 -11.51 -5.64 18.17
N SER A 208 -10.71 -6.71 18.30
CA SER A 208 -10.75 -7.79 17.31
C SER A 208 -12.10 -8.48 17.30
N ASN A 209 -12.64 -8.77 18.48
CA ASN A 209 -13.97 -9.39 18.56
C ASN A 209 -15.02 -8.49 17.93
N MET A 210 -14.89 -7.18 18.10
CA MET A 210 -15.82 -6.26 17.46
C MET A 210 -15.73 -6.34 15.95
N LEU A 211 -14.51 -6.34 15.41
CA LEU A 211 -14.34 -6.35 13.96
C LEU A 211 -14.90 -7.61 13.34
N LEU A 212 -14.82 -8.74 14.06
CA LEU A 212 -15.45 -9.97 13.57
C LEU A 212 -16.96 -9.78 13.44
N LYS A 213 -17.60 -9.19 14.45
CA LYS A 213 -19.02 -8.91 14.37
C LYS A 213 -19.38 -8.05 13.16
N LEU A 214 -18.49 -7.14 12.79
CA LEU A 214 -18.79 -6.16 11.75
C LEU A 214 -18.46 -6.64 10.35
N GLY A 215 -17.98 -7.86 10.19
CA GLY A 215 -17.71 -8.41 8.88
C GLY A 215 -16.34 -8.08 8.31
N CYS A 216 -15.37 -7.72 9.16
CA CYS A 216 -14.01 -7.46 8.71
C CYS A 216 -13.23 -8.76 8.63
N ASP A 217 -12.41 -8.89 7.59
CA ASP A 217 -11.58 -10.07 7.41
C ASP A 217 -10.14 -9.87 7.87
N VAL A 218 -9.59 -8.66 7.74
CA VAL A 218 -8.24 -8.36 8.18
C VAL A 218 -8.23 -6.93 8.70
N VAL A 219 -7.18 -6.60 9.46
CA VAL A 219 -7.02 -5.26 10.03
C VAL A 219 -5.55 -4.85 9.95
N GLY A 220 -5.33 -3.59 9.57
CA GLY A 220 -3.99 -3.05 9.46
C GLY A 220 -3.99 -1.54 9.64
N MET A 221 -2.80 -0.94 9.56
CA MET A 221 -2.61 0.48 9.85
C MET A 221 -2.15 1.30 8.65
N SER A 222 -2.41 0.84 7.43
CA SER A 222 -1.91 1.55 6.25
C SER A 222 -2.85 1.29 5.07
N THR A 223 -2.37 1.64 3.87
CA THR A 223 -2.97 1.26 2.59
C THR A 223 -4.20 2.10 2.23
N VAL A 224 -5.19 2.20 3.13
CA VAL A 224 -6.44 2.88 2.78
C VAL A 224 -6.19 4.33 2.37
N PRO A 225 -5.34 5.10 3.05
CA PRO A 225 -5.12 6.49 2.60
C PRO A 225 -4.57 6.59 1.19
N GLU A 226 -3.59 5.75 0.83
CA GLU A 226 -3.06 5.80 -0.53
C GLU A 226 -4.10 5.33 -1.55
N VAL A 227 -4.89 4.32 -1.20
CA VAL A 227 -5.90 3.82 -2.12
C VAL A 227 -6.88 4.95 -2.47
N ILE A 228 -7.28 5.73 -1.47
CA ILE A 228 -8.28 6.78 -1.70
C ILE A 228 -7.70 7.89 -2.57
N ILE A 229 -6.44 8.25 -2.36
CA ILE A 229 -5.83 9.29 -3.19
C ILE A 229 -5.67 8.79 -4.63
N ALA A 230 -5.32 7.52 -4.80
CA ALA A 230 -5.17 6.97 -6.15
C ALA A 230 -6.52 6.87 -6.86
N CYS A 231 -7.55 6.39 -6.15
CA CYS A 231 -8.89 6.32 -6.73
C CYS A 231 -9.41 7.71 -7.09
N HIS A 232 -9.07 8.71 -6.28
CA HIS A 232 -9.52 10.08 -6.53
C HIS A 232 -9.02 10.60 -7.88
N CYS A 233 -7.76 10.32 -8.22
CA CYS A 233 -7.17 10.81 -9.46
C CYS A 233 -7.14 9.77 -10.57
N GLY A 234 -7.87 8.67 -10.42
CA GLY A 234 -8.09 7.76 -11.53
C GLY A 234 -7.04 6.69 -11.74
N ILE A 235 -6.39 6.21 -10.69
CA ILE A 235 -5.38 5.17 -10.80
C ILE A 235 -5.97 3.85 -10.31
N LYS A 236 -5.71 2.77 -11.04
CA LYS A 236 -6.16 1.45 -10.64
C LYS A 236 -5.26 0.88 -9.55
N VAL A 237 -5.84 0.10 -8.64
CA VAL A 237 -5.14 -0.40 -7.47
C VAL A 237 -5.30 -1.90 -7.36
N LEU A 238 -4.21 -2.58 -7.00
CA LEU A 238 -4.23 -3.92 -6.44
C LEU A 238 -3.54 -3.86 -5.07
N ALA A 239 -4.20 -4.39 -4.05
CA ALA A 239 -3.66 -4.40 -2.69
C ALA A 239 -3.74 -5.81 -2.12
N VAL A 240 -2.64 -6.28 -1.55
CA VAL A 240 -2.53 -7.62 -1.00
C VAL A 240 -1.97 -7.52 0.41
N SER A 241 -2.62 -8.20 1.36
CA SER A 241 -2.17 -8.25 2.75
C SER A 241 -1.51 -9.59 3.03
N LEU A 242 -0.41 -9.55 3.79
CA LEU A 242 0.21 -10.75 4.34
C LEU A 242 -0.22 -10.89 5.79
N ILE A 243 -0.79 -12.04 6.14
CA ILE A 243 -1.33 -12.26 7.47
C ILE A 243 -0.22 -12.72 8.40
N ALA A 244 0.00 -11.97 9.48
CA ALA A 244 1.02 -12.32 10.46
C ALA A 244 0.47 -13.14 11.63
N ASN A 245 -0.83 -13.10 11.87
CA ASN A 245 -1.44 -13.82 12.98
C ASN A 245 -2.95 -13.74 12.82
N ASN A 246 -3.66 -14.58 13.56
CA ASN A 246 -5.12 -14.50 13.66
C ASN A 246 -5.46 -13.92 15.03
N SER A 247 -5.94 -12.67 15.02
CA SER A 247 -6.17 -11.96 16.26
C SER A 247 -7.30 -12.58 17.07
N ILE A 248 -8.26 -13.25 16.41
CA ILE A 248 -9.37 -13.85 17.13
C ILE A 248 -8.89 -15.05 17.93
N LEU A 249 -8.08 -15.92 17.30
CA LEU A 249 -7.52 -17.05 18.03
C LEU A 249 -6.63 -16.58 19.16
N ASP A 250 -5.79 -15.56 18.91
CA ASP A 250 -4.91 -15.07 19.97
C ASP A 250 -5.70 -14.58 21.17
N ALA A 251 -6.84 -13.92 20.93
CA ALA A 251 -7.65 -13.42 22.02
C ALA A 251 -8.28 -14.56 22.82
N GLU A 252 -8.72 -15.61 22.13
CA GLU A 252 -9.33 -16.75 22.82
C GLU A 252 -8.31 -17.53 23.64
N ASN A 253 -7.03 -17.50 23.23
CA ASN A 253 -5.98 -18.25 23.91
C ASN A 253 -5.10 -17.36 24.78
N ASP A 254 -5.37 -16.06 24.86
CA ASP A 254 -4.56 -15.12 25.64
C ASP A 254 -3.11 -15.12 25.15
N VAL A 255 -2.95 -14.98 23.83
CA VAL A 255 -1.65 -14.95 23.18
C VAL A 255 -1.38 -13.54 22.68
N SER A 256 -0.11 -13.16 22.69
CA SER A 256 0.31 -11.82 22.34
C SER A 256 0.81 -11.74 20.90
N ILE A 257 0.84 -10.52 20.38
CA ILE A 257 1.45 -10.20 19.10
C ILE A 257 2.44 -9.07 19.33
N ASN A 258 3.46 -9.00 18.48
CA ASN A 258 4.46 -7.94 18.59
C ASN A 258 5.18 -7.81 17.26
N HIS A 259 5.91 -6.70 17.11
CA HIS A 259 6.56 -6.40 15.84
C HIS A 259 7.60 -7.45 15.48
N GLU A 260 8.29 -8.01 16.47
CA GLU A 260 9.29 -9.03 16.19
C GLU A 260 8.66 -10.25 15.52
N LYS A 261 7.46 -10.65 15.98
CA LYS A 261 6.76 -11.75 15.34
C LYS A 261 6.31 -11.37 13.93
N VAL A 262 5.86 -10.13 13.75
CA VAL A 262 5.38 -9.69 12.45
C VAL A 262 6.50 -9.81 11.41
N LEU A 263 7.69 -9.31 11.74
CA LEU A 263 8.78 -9.28 10.77
C LEU A 263 9.29 -10.68 10.46
N ALA A 264 9.16 -11.62 11.40
CA ALA A 264 9.56 -13.00 11.13
C ALA A 264 8.69 -13.63 10.04
N VAL A 265 7.38 -13.40 10.11
CA VAL A 265 6.49 -13.89 9.05
C VAL A 265 6.83 -13.22 7.72
N ALA A 266 7.13 -11.93 7.76
CA ALA A 266 7.50 -11.23 6.53
C ALA A 266 8.73 -11.87 5.88
N GLU A 267 9.74 -12.20 6.69
CA GLU A 267 10.94 -12.84 6.14
C GLU A 267 10.61 -14.19 5.52
N LYS A 268 9.68 -14.93 6.13
CA LYS A 268 9.35 -16.27 5.65
C LYS A 268 8.63 -16.26 4.31
N ARG A 269 7.97 -15.16 3.96
CA ARG A 269 7.20 -15.07 2.72
C ARG A 269 7.78 -14.09 1.72
N ALA A 270 8.86 -13.38 2.07
CA ALA A 270 9.32 -12.26 1.25
C ALA A 270 9.69 -12.71 -0.16
N ASP A 271 10.36 -13.86 -0.28
CA ASP A 271 10.84 -14.29 -1.59
C ASP A 271 9.70 -14.74 -2.50
N LEU A 272 8.72 -15.45 -1.94
CA LEU A 272 7.56 -15.85 -2.75
C LEU A 272 6.77 -14.63 -3.19
N LEU A 273 6.68 -13.61 -2.35
CA LEU A 273 5.94 -12.40 -2.72
C LEU A 273 6.69 -11.61 -3.78
N GLN A 274 8.02 -11.56 -3.70
CA GLN A 274 8.81 -10.94 -4.76
C GLN A 274 8.56 -11.62 -6.09
N MET A 275 8.70 -12.94 -6.13
CA MET A 275 8.42 -13.70 -7.35
C MET A 275 7.01 -13.43 -7.85
N TRP A 276 6.05 -13.33 -6.94
CA TRP A 276 4.64 -13.17 -7.32
C TRP A 276 4.41 -11.84 -8.03
N PHE A 277 4.92 -10.75 -7.45
CA PHE A 277 4.64 -9.42 -8.00
C PHE A 277 5.49 -9.11 -9.23
N LYS A 278 6.67 -9.73 -9.34
CA LYS A 278 7.46 -9.56 -10.56
C LYS A 278 6.68 -10.05 -11.77
N GLU A 279 6.02 -11.21 -11.64
CA GLU A 279 5.23 -11.73 -12.76
C GLU A 279 3.99 -10.88 -13.00
N ILE A 280 3.35 -10.38 -11.93
CA ILE A 280 2.19 -9.51 -12.10
C ILE A 280 2.57 -8.31 -12.97
N ILE A 281 3.66 -7.63 -12.61
CA ILE A 281 4.13 -6.49 -13.39
C ILE A 281 4.30 -6.88 -14.85
N THR A 282 4.92 -8.04 -15.11
CA THR A 282 5.18 -8.45 -16.47
C THR A 282 3.89 -8.74 -17.24
N ARG A 283 2.86 -9.21 -16.55
CA ARG A 283 1.63 -9.65 -17.20
C ARG A 283 0.55 -8.57 -17.26
N LEU A 284 0.78 -7.41 -16.65
CA LEU A 284 -0.24 -6.38 -16.65
C LEU A 284 -0.65 -6.03 -18.07
N PRO A 285 -1.95 -5.90 -18.38
CA PRO A 285 -2.42 -5.54 -19.72
C PRO A 285 -1.68 -4.36 -20.33
S DMS B . -6.34 16.24 0.08
O DMS B . -6.14 17.33 -0.93
C1 DMS B . -4.77 15.44 0.42
C2 DMS B . -6.69 16.97 1.71
H11 DMS B . -4.42 14.95 -0.46
H12 DMS B . -4.06 16.16 0.72
H13 DMS B . -4.89 14.72 1.19
H21 DMS B . -5.91 17.63 1.96
H22 DMS B . -6.75 16.20 2.42
H23 DMS B . -7.60 17.50 1.67
S DMS C . 3.53 -3.42 11.85
O DMS C . 3.66 -4.55 12.82
C1 DMS C . 3.09 -4.07 10.22
C2 DMS C . 2.03 -2.46 12.21
H11 DMS C . 2.21 -4.66 10.30
H12 DMS C . 2.91 -3.27 9.55
H13 DMS C . 3.89 -4.67 9.86
H21 DMS C . 1.19 -3.11 12.22
H22 DMS C . 2.12 -2.00 13.16
H23 DMS C . 1.89 -1.72 11.47
S DMS D . -13.76 8.37 -8.24
O DMS D . -15.14 8.93 -8.21
C1 DMS D . -13.74 6.83 -9.20
C2 DMS D . -12.68 9.42 -9.25
H11 DMS D . -12.74 6.49 -9.29
H12 DMS D . -14.14 7.02 -10.17
H13 DMS D . -14.32 6.10 -8.72
H21 DMS D . -11.72 8.96 -9.34
H22 DMS D . -12.58 10.36 -8.79
H23 DMS D . -13.11 9.54 -10.21
S DMS E . -8.81 -20.55 -0.42
O DMS E . -9.06 -19.08 -0.24
C1 DMS E . -8.05 -21.23 1.08
C2 DMS E . -10.38 -21.46 -0.45
H11 DMS E . -7.10 -20.79 1.22
H12 DMS E . -7.95 -22.27 0.98
H13 DMS E . -8.67 -21.01 1.91
H21 DMS E . -10.94 -21.18 -1.29
H22 DMS E . -10.92 -21.24 0.43
H23 DMS E . -10.17 -22.50 -0.49
S DMS F . 6.29 14.26 11.90
O DMS F . 5.25 14.35 10.84
C1 DMS F . 5.52 14.44 13.54
C2 DMS F . 6.92 12.56 12.01
H11 DMS F . 6.24 14.30 14.29
H12 DMS F . 4.75 13.73 13.65
H13 DMS F . 5.11 15.42 13.63
H21 DMS F . 7.41 12.31 11.11
H22 DMS F . 6.10 11.90 12.17
H23 DMS F . 7.58 12.48 12.83
S DMS G . -1.21 0.48 -17.81
O DMS G . -0.79 1.59 -18.71
C1 DMS G . -2.12 -0.76 -18.77
C2 DMS G . 0.26 -0.50 -17.37
H11 DMS G . -3.03 -0.33 -19.12
H12 DMS G . -2.34 -1.60 -18.16
H13 DMS G . -1.54 -1.07 -19.60
H21 DMS G . 0.92 0.10 -16.79
H22 DMS G . 0.76 -0.82 -18.25
H23 DMS G . -0.04 -1.35 -16.80
S DMS H . 2.57 -2.31 6.23
O DMS H . 3.27 -3.56 6.68
C1 DMS H . 1.67 -1.56 7.62
C2 DMS H . 3.79 -1.00 5.94
H11 DMS H . 1.26 -0.64 7.31
H12 DMS H . 2.35 -1.39 8.42
H13 DMS H . 0.90 -2.21 7.94
H21 DMS H . 4.41 -1.28 5.13
H22 DMS H . 3.28 -0.10 5.70
H23 DMS H . 4.38 -0.86 6.80
S DMS I . -4.40 15.25 -13.52
O DMS I . -4.88 14.24 -12.53
C1 DMS I . -3.60 16.63 -12.66
C2 DMS I . -2.98 14.58 -14.44
H11 DMS I . -4.31 17.15 -12.07
H12 DMS I . -3.18 17.30 -13.37
H13 DMS I . -2.83 16.26 -12.03
H21 DMS I . -2.23 14.26 -13.76
H22 DMS I . -2.58 15.32 -15.08
H23 DMS I . -3.29 13.75 -15.02
C3 DS1 J . -0.51 -5.19 11.75
C2 DS1 J . -1.62 -4.92 12.48
C1 DS1 J . -2.18 -5.88 13.25
O DS1 J . -2.18 -3.63 12.41
N1 DS1 J . -1.64 -7.09 13.29
N2 DS1 J . 0.03 -6.40 11.81
C DS1 J . -0.52 -7.37 12.58
N DS1 J . 0.07 -8.69 12.63
H4 DS1 J . -0.13 -4.54 11.22
H2 DS1 J . -2.94 -5.70 13.75
H3 DS1 J . -1.57 -3.05 12.38
H1 DS1 J . 0.91 -8.79 12.48
H DS1 J . -0.42 -9.37 12.81
#